data_8EO6
#
_entry.id   8EO6
#
_cell.length_a   74.080
_cell.length_b   162.110
_cell.length_c   70.270
_cell.angle_alpha   90.00
_cell.angle_beta   90.00
_cell.angle_gamma   90.00
#
_symmetry.space_group_name_H-M   'P 21 21 2'
#
loop_
_entity.id
_entity.type
_entity.pdbx_description
1 polymer LRA-5
2 non-polymer 'ACYLATED CEFTAZIDIME'
3 water water
#
_entity_poly.entity_id   1
_entity_poly.type   'polypeptide(L)'
_entity_poly.pdbx_seq_one_letter_code
;AACLPDIIFDEPSQGPEKNEAISMLTERLSSIINAAGGDIGIAVIHVETGHTTAIQGTTQLPLYSVFKLPLAIAVLKEIE
ENRLQLDRKVRVTPADVAPGWTANAAMWRRPIDRTVAQLIEVSIIRSDNTSSDKLLQLVGGPAAVTHRMRALGFPNIEIV
STVREFSENRTRPNTGSAEDLARLLVQLQKGELLQPQHSALLLGFMHRATTGTERLRGSLPVGTPVADKTGTGDAGVVTN
DVGIITLPKGQGHLAIAVLISGSKLSPAAQEKLIAEIARAAYDAHVSRAE
;
_entity_poly.pdbx_strand_id   A,B
#
# COMPACT_ATOMS: atom_id res chain seq x y z
N GLU A 20 13.79 9.64 -17.45
CA GLU A 20 13.13 8.97 -18.54
C GLU A 20 11.72 9.44 -18.02
N ALA A 21 10.63 9.46 -18.80
CA ALA A 21 9.60 10.46 -18.47
C ALA A 21 8.95 10.23 -17.10
N ILE A 22 8.64 8.99 -16.76
CA ILE A 22 8.04 8.70 -15.45
C ILE A 22 9.06 8.63 -14.32
N SER A 23 10.33 8.43 -14.64
CA SER A 23 11.37 8.40 -13.61
C SER A 23 11.47 9.73 -12.87
N MET A 24 11.41 10.85 -13.59
CA MET A 24 11.61 12.17 -13.02
C MET A 24 10.30 12.85 -12.64
N LEU A 25 9.19 12.11 -12.60
CA LEU A 25 7.91 12.71 -12.22
C LEU A 25 7.94 13.23 -10.79
N THR A 26 8.66 12.54 -9.90
CA THR A 26 8.71 12.96 -8.50
C THR A 26 9.45 14.28 -8.35
N GLU A 27 10.51 14.47 -9.14
CA GLU A 27 11.20 15.75 -9.14
C GLU A 27 10.26 16.88 -9.57
N ARG A 28 9.54 16.67 -10.67
CA ARG A 28 8.65 17.73 -11.14
C ARG A 28 7.51 17.99 -10.17
N LEU A 29 6.94 16.93 -9.59
CA LEU A 29 5.85 17.14 -8.64
C LEU A 29 6.35 17.90 -7.42
N SER A 30 7.56 17.59 -6.97
CA SER A 30 8.11 18.27 -5.80
C SER A 30 8.33 19.76 -6.06
N SER A 31 8.66 20.14 -7.30
CA SER A 31 8.84 21.56 -7.59
C SER A 31 7.52 22.28 -7.80
N ILE A 32 6.48 21.56 -8.25
CA ILE A 32 5.18 22.19 -8.42
C ILE A 32 4.59 22.59 -7.08
N ILE A 33 4.81 21.77 -6.04
CA ILE A 33 4.23 22.05 -4.73
C ILE A 33 5.20 22.79 -3.81
N ASN A 34 6.40 23.11 -4.29
CA ASN A 34 7.36 23.81 -3.45
C ASN A 34 6.78 25.15 -2.98
N ALA A 35 7.08 25.51 -1.73
CA ALA A 35 6.60 26.74 -1.12
C ALA A 35 5.09 26.82 -1.01
N ALA A 36 4.37 25.71 -1.19
CA ALA A 36 2.93 25.75 -0.97
C ALA A 36 2.58 25.77 0.51
N GLY A 37 3.49 25.34 1.38
CA GLY A 37 3.21 25.22 2.79
C GLY A 37 2.22 24.09 3.06
N GLY A 38 1.80 24.02 4.33
CA GLY A 38 0.83 23.02 4.73
C GLY A 38 1.36 21.60 4.61
N ASP A 39 0.41 20.66 4.54
CA ASP A 39 0.70 19.24 4.38
C ASP A 39 0.05 18.73 3.10
N ILE A 40 0.87 18.21 2.20
CA ILE A 40 0.41 17.78 0.88
C ILE A 40 0.84 16.33 0.66
N GLY A 41 -0.12 15.45 0.41
CA GLY A 41 0.15 14.07 0.03
C GLY A 41 -0.29 13.82 -1.40
N ILE A 42 0.59 13.18 -2.17
CA ILE A 42 0.32 12.86 -3.57
C ILE A 42 0.64 11.40 -3.83
N ALA A 43 -0.23 10.72 -4.55
CA ALA A 43 0.07 9.39 -5.07
C ALA A 43 -0.48 9.29 -6.50
N VAL A 44 0.36 8.81 -7.40
CA VAL A 44 -0.02 8.56 -8.79
C VAL A 44 0.37 7.13 -9.12
N ILE A 45 -0.61 6.32 -9.53
CA ILE A 45 -0.39 4.91 -9.82
C ILE A 45 -0.91 4.61 -11.21
N HIS A 46 -0.05 4.11 -12.08
CA HIS A 46 -0.49 3.59 -13.37
C HIS A 46 -1.21 2.27 -13.13
N VAL A 47 -2.49 2.22 -13.49
CA VAL A 47 -3.36 1.13 -13.07
C VAL A 47 -2.85 -0.21 -13.61
N GLU A 48 -2.47 -0.25 -14.88
CA GLU A 48 -2.19 -1.53 -15.52
C GLU A 48 -0.82 -2.07 -15.14
N THR A 49 0.18 -1.21 -14.95
CA THR A 49 1.53 -1.65 -14.60
C THR A 49 1.82 -1.57 -13.11
N GLY A 50 1.11 -0.73 -12.37
CA GLY A 50 1.41 -0.54 -10.96
C GLY A 50 2.43 0.54 -10.68
N HIS A 51 3.03 1.16 -11.70
CA HIS A 51 4.04 2.19 -11.49
C HIS A 51 3.50 3.28 -10.57
N THR A 52 4.23 3.56 -9.51
CA THR A 52 3.75 4.43 -8.44
C THR A 52 4.71 5.59 -8.23
N THR A 53 4.15 6.79 -8.13
CA THR A 53 4.87 7.99 -7.73
C THR A 53 4.14 8.58 -6.53
N ALA A 54 4.88 8.84 -5.45
CA ALA A 54 4.26 9.31 -4.23
C ALA A 54 5.13 10.34 -3.53
N ILE A 55 4.48 11.35 -2.95
CA ILE A 55 5.10 12.35 -2.10
C ILE A 55 4.28 12.42 -0.81
N GLN A 56 4.92 12.13 0.32
CA GLN A 56 4.22 12.02 1.60
C GLN A 56 3.01 11.11 1.47
N GLY A 57 3.19 10.01 0.74
CA GLY A 57 2.09 9.16 0.33
C GLY A 57 1.48 8.32 1.44
N THR A 58 2.19 8.14 2.55
CA THR A 58 1.70 7.33 3.66
C THR A 58 1.16 8.17 4.81
N THR A 59 1.30 9.49 4.76
CA THR A 59 0.81 10.36 5.82
C THR A 59 -0.70 10.50 5.70
N GLN A 60 -1.41 10.28 6.81
CA GLN A 60 -2.86 10.38 6.81
C GLN A 60 -3.28 11.83 7.01
N LEU A 61 -4.10 12.34 6.10
CA LEU A 61 -4.46 13.74 6.01
C LEU A 61 -5.98 13.87 6.00
N PRO A 62 -6.51 15.03 6.38
CA PRO A 62 -7.98 15.17 6.46
C PRO A 62 -8.63 14.95 5.10
N LEU A 63 -9.68 14.15 5.09
CA LEU A 63 -10.35 13.75 3.87
C LEU A 63 -11.48 14.69 3.46
N TYR A 64 -12.23 15.19 4.43
CA TYR A 64 -13.47 15.96 4.19
C TYR A 64 -14.35 15.13 3.25
N SER A 65 -14.85 15.69 2.15
CA SER A 65 -15.82 14.96 1.33
C SER A 65 -15.21 13.81 0.53
N VAL A 66 -13.87 13.66 0.53
CA VAL A 66 -13.27 12.52 -0.15
C VAL A 66 -13.69 11.22 0.52
N PHE A 67 -14.03 11.26 1.81
CA PHE A 67 -14.47 10.06 2.53
C PHE A 67 -15.73 9.47 1.91
N LYS A 68 -16.49 10.24 1.13
CA LYS A 68 -17.68 9.71 0.50
C LYS A 68 -17.36 8.60 -0.48
N LEU A 69 -16.11 8.50 -0.94
CA LEU A 69 -15.76 7.44 -1.87
C LEU A 69 -15.57 6.13 -1.10
N PRO A 70 -14.74 6.07 -0.04
CA PRO A 70 -14.77 4.87 0.82
C PRO A 70 -16.15 4.53 1.35
N LEU A 71 -16.97 5.53 1.66
CA LEU A 71 -18.33 5.27 2.14
C LEU A 71 -19.15 4.55 1.08
N ALA A 72 -19.07 5.00 -0.19
CA ALA A 72 -19.82 4.35 -1.25
C ALA A 72 -19.36 2.92 -1.45
N ILE A 73 -18.06 2.66 -1.30
CA ILE A 73 -17.54 1.31 -1.42
C ILE A 73 -18.07 0.43 -0.30
N ALA A 74 -18.07 0.94 0.95
CA ALA A 74 -18.62 0.17 2.06
C ALA A 74 -20.10 -0.14 1.86
N VAL A 75 -20.86 0.82 1.32
CA VAL A 75 -22.28 0.59 1.07
C VAL A 75 -22.45 -0.49 0.02
N LEU A 76 -21.69 -0.41 -1.07
CA LEU A 76 -21.80 -1.40 -2.13
C LEU A 76 -21.27 -2.76 -1.67
N LYS A 77 -20.28 -2.78 -0.78
CA LYS A 77 -19.86 -4.04 -0.19
C LYS A 77 -20.98 -4.67 0.65
N GLU A 78 -21.74 -3.84 1.37
CA GLU A 78 -22.89 -4.36 2.11
C GLU A 78 -23.88 -5.03 1.17
N ILE A 79 -24.14 -4.43 0.01
CA ILE A 79 -25.04 -5.05 -0.95
C ILE A 79 -24.44 -6.34 -1.49
N GLU A 80 -23.13 -6.32 -1.78
CA GLU A 80 -22.45 -7.51 -2.27
C GLU A 80 -22.30 -8.58 -1.20
N GLU A 81 -22.41 -8.22 0.08
CA GLU A 81 -22.37 -9.19 1.17
C GLU A 81 -23.77 -9.51 1.68
N ASN A 82 -24.81 -9.12 0.92
CA ASN A 82 -26.19 -9.56 1.08
C ASN A 82 -26.85 -9.04 2.34
N ARG A 83 -26.40 -7.91 2.86
CA ARG A 83 -27.06 -7.25 3.99
C ARG A 83 -27.85 -6.02 3.55
N LEU A 84 -27.95 -5.78 2.24
CA LEU A 84 -28.54 -4.54 1.74
C LEU A 84 -28.88 -4.72 0.27
N GLN A 85 -29.77 -3.86 -0.22
CA GLN A 85 -30.12 -3.87 -1.64
C GLN A 85 -30.01 -2.47 -2.22
N LEU A 86 -29.72 -2.41 -3.52
CA LEU A 86 -29.57 -1.13 -4.20
C LEU A 86 -30.89 -0.39 -4.28
N ASP A 87 -31.99 -1.12 -4.45
CA ASP A 87 -33.31 -0.53 -4.60
C ASP A 87 -34.07 -0.39 -3.28
N ARG A 88 -33.41 -0.60 -2.15
CA ARG A 88 -34.09 -0.38 -0.88
C ARG A 88 -34.47 1.09 -0.73
N LYS A 89 -35.74 1.32 -0.37
CA LYS A 89 -36.21 2.67 -0.13
C LYS A 89 -35.73 3.17 1.22
N VAL A 90 -35.24 4.39 1.25
CA VAL A 90 -34.76 5.04 2.48
C VAL A 90 -35.45 6.39 2.57
N ARG A 91 -36.09 6.65 3.70
CA ARG A 91 -36.82 7.89 3.91
C ARG A 91 -35.87 8.95 4.46
N VAL A 92 -35.81 10.10 3.78
CA VAL A 92 -35.01 11.23 4.22
C VAL A 92 -35.96 12.37 4.57
N THR A 93 -35.74 12.97 5.74
CA THR A 93 -36.55 14.05 6.27
C THR A 93 -35.69 15.27 6.52
N PRO A 94 -36.29 16.47 6.60
CA PRO A 94 -35.53 17.68 6.96
C PRO A 94 -34.75 17.55 8.26
N ALA A 95 -35.19 16.65 9.14
CA ALA A 95 -34.48 16.40 10.39
C ALA A 95 -33.09 15.83 10.17
N ASP A 96 -32.84 15.21 9.00
CA ASP A 96 -31.52 14.66 8.68
C ASP A 96 -30.54 15.70 8.15
N VAL A 97 -31.00 16.92 7.86
CA VAL A 97 -30.12 17.97 7.36
C VAL A 97 -29.57 18.76 8.54
N ALA A 98 -28.25 18.84 8.64
CA ALA A 98 -27.64 19.65 9.67
C ALA A 98 -27.87 21.12 9.38
N PRO A 99 -27.83 21.98 10.40
CA PRO A 99 -28.12 23.41 10.16
C PRO A 99 -27.23 24.06 9.11
N GLY A 100 -25.91 23.93 9.23
CA GLY A 100 -24.98 24.63 8.36
C GLY A 100 -24.93 24.12 6.93
N TRP A 101 -25.61 23.03 6.61
CA TRP A 101 -25.57 22.44 5.26
C TRP A 101 -26.49 23.24 4.35
N THR A 102 -25.89 24.12 3.54
CA THR A 102 -26.64 25.01 2.67
C THR A 102 -26.60 24.62 1.20
N ALA A 103 -25.62 23.81 0.79
CA ALA A 103 -25.35 23.63 -0.64
C ALA A 103 -26.47 22.88 -1.36
N ASN A 104 -26.82 21.69 -0.87
CA ASN A 104 -27.75 20.81 -1.55
C ASN A 104 -29.09 20.64 -0.84
N ALA A 105 -29.39 21.49 0.16
CA ALA A 105 -30.56 21.29 1.02
C ALA A 105 -31.89 21.43 0.31
N ALA A 106 -31.91 21.80 -0.97
CA ALA A 106 -33.19 22.06 -1.64
C ALA A 106 -33.97 20.79 -1.91
N MET A 107 -33.31 19.64 -2.06
CA MET A 107 -34.02 18.39 -2.25
C MET A 107 -34.57 17.82 -0.95
N TRP A 108 -34.18 18.33 0.22
CA TRP A 108 -34.56 17.75 1.49
C TRP A 108 -35.51 18.61 2.34
N ARG A 109 -36.49 19.27 1.73
CA ARG A 109 -37.37 20.10 2.56
C ARG A 109 -38.71 19.45 2.93
N ARG A 110 -39.37 18.69 2.04
CA ARG A 110 -40.28 17.73 2.71
C ARG A 110 -39.81 16.28 2.57
N PRO A 111 -40.29 15.37 3.46
CA PRO A 111 -39.89 13.96 3.39
C PRO A 111 -39.96 13.34 2.00
N ILE A 112 -38.94 12.56 1.68
CA ILE A 112 -38.73 12.00 0.35
C ILE A 112 -38.11 10.61 0.51
N ASP A 113 -38.48 9.69 -0.37
CA ASP A 113 -37.93 8.36 -0.40
C ASP A 113 -36.89 8.27 -1.52
N ARG A 114 -35.69 7.83 -1.17
CA ARG A 114 -34.64 7.60 -2.15
C ARG A 114 -34.14 6.17 -2.01
N THR A 115 -33.90 5.51 -3.13
CA THR A 115 -33.24 4.22 -3.08
C THR A 115 -31.80 4.41 -2.64
N VAL A 116 -31.19 3.30 -2.19
CA VAL A 116 -29.79 3.35 -1.81
C VAL A 116 -28.93 3.80 -2.98
N ALA A 117 -29.29 3.36 -4.20
CA ALA A 117 -28.56 3.79 -5.39
C ALA A 117 -28.66 5.30 -5.59
N GLN A 118 -29.86 5.86 -5.41
CA GLN A 118 -30.02 7.31 -5.55
C GLN A 118 -29.29 8.07 -4.46
N LEU A 119 -29.14 7.49 -3.27
CA LEU A 119 -28.40 8.18 -2.22
C LEU A 119 -26.90 8.23 -2.56
N ILE A 120 -26.35 7.11 -3.02
CA ILE A 120 -24.95 7.09 -3.46
C ILE A 120 -24.74 8.10 -4.57
N GLU A 121 -25.67 8.13 -5.53
CA GLU A 121 -25.61 9.05 -6.66
C GLU A 121 -25.40 10.49 -6.22
N VAL A 122 -26.33 11.01 -5.41
CA VAL A 122 -26.26 12.42 -5.05
C VAL A 122 -25.08 12.69 -4.13
N SER A 123 -24.71 11.73 -3.28
CA SER A 123 -23.58 11.95 -2.40
C SER A 123 -22.27 12.06 -3.19
N ILE A 124 -22.15 11.31 -4.29
CA ILE A 124 -20.92 11.32 -5.07
C ILE A 124 -20.92 12.50 -6.03
N ILE A 125 -22.02 12.72 -6.74
CA ILE A 125 -22.05 13.73 -7.79
C ILE A 125 -22.10 15.12 -7.20
N ARG A 126 -22.94 15.34 -6.19
CA ARG A 126 -23.14 16.66 -5.60
C ARG A 126 -22.39 16.85 -4.29
N SER A 127 -21.63 15.85 -3.83
CA SER A 127 -20.96 15.92 -2.54
C SER A 127 -21.94 16.26 -1.43
N ASP A 128 -23.09 15.59 -1.47
CA ASP A 128 -24.17 15.85 -0.53
C ASP A 128 -23.86 15.29 0.86
N ASN A 129 -23.95 16.17 1.87
CA ASN A 129 -23.70 15.73 3.24
C ASN A 129 -24.88 14.96 3.82
N THR A 130 -26.10 15.34 3.45
CA THR A 130 -27.29 14.70 4.03
C THR A 130 -27.37 13.23 3.65
N SER A 131 -27.28 12.93 2.35
CA SER A 131 -27.36 11.54 1.92
C SER A 131 -26.19 10.73 2.44
N SER A 132 -25.01 11.35 2.53
CA SER A 132 -23.84 10.64 3.04
C SER A 132 -24.06 10.18 4.46
N ASP A 133 -24.61 11.04 5.32
CA ASP A 133 -24.83 10.67 6.71
C ASP A 133 -25.91 9.61 6.84
N LYS A 134 -26.89 9.61 5.94
CA LYS A 134 -27.86 8.53 5.93
C LYS A 134 -27.19 7.20 5.58
N LEU A 135 -26.34 7.20 4.54
CA LEU A 135 -25.60 6.00 4.17
C LEU A 135 -24.68 5.54 5.30
N LEU A 136 -24.05 6.50 6.00
CA LEU A 136 -23.17 6.15 7.11
C LEU A 136 -23.90 5.31 8.16
N GLN A 137 -25.17 5.65 8.44
CA GLN A 137 -25.94 4.87 9.41
C GLN A 137 -26.29 3.49 8.85
N LEU A 138 -26.61 3.41 7.56
CA LEU A 138 -27.00 2.14 6.95
C LEU A 138 -25.91 1.09 7.08
N VAL A 139 -24.64 1.50 7.06
CA VAL A 139 -23.53 0.54 7.13
C VAL A 139 -23.03 0.32 8.55
N GLY A 140 -23.48 1.12 9.51
CA GLY A 140 -23.07 0.97 10.88
C GLY A 140 -22.14 2.03 11.44
N GLY A 141 -22.08 3.21 10.83
CA GLY A 141 -21.32 4.30 11.38
C GLY A 141 -19.84 4.28 11.01
N PRO A 142 -19.11 5.29 11.49
CA PRO A 142 -17.69 5.42 11.13
C PRO A 142 -16.84 4.18 11.38
N ALA A 143 -17.02 3.51 12.51
CA ALA A 143 -16.18 2.35 12.83
C ALA A 143 -16.38 1.23 11.82
N ALA A 144 -17.62 1.04 11.35
CA ALA A 144 -17.88 -0.03 10.40
C ALA A 144 -17.22 0.24 9.05
N VAL A 145 -17.21 1.51 8.62
CA VAL A 145 -16.53 1.85 7.38
C VAL A 145 -15.03 1.65 7.51
N THR A 146 -14.46 2.04 8.65
CA THR A 146 -13.03 1.82 8.87
C THR A 146 -12.70 0.34 8.83
N HIS A 147 -13.56 -0.50 9.43
CA HIS A 147 -13.33 -1.94 9.40
C HIS A 147 -13.42 -2.48 7.98
N ARG A 148 -14.39 -2.01 7.20
CA ARG A 148 -14.51 -2.47 5.82
C ARG A 148 -13.27 -2.11 5.01
N MET A 149 -12.65 -0.96 5.30
CA MET A 149 -11.46 -0.57 4.55
C MET A 149 -10.29 -1.50 4.81
N ARG A 150 -10.01 -1.80 6.09
CA ARG A 150 -8.92 -2.73 6.35
C ARG A 150 -9.25 -4.14 5.86
N ALA A 151 -10.52 -4.55 5.95
CA ALA A 151 -10.89 -5.86 5.41
C ALA A 151 -10.65 -5.94 3.91
N LEU A 152 -10.69 -4.80 3.21
CA LEU A 152 -10.43 -4.77 1.78
C LEU A 152 -8.96 -4.56 1.44
N GLY A 153 -8.13 -4.18 2.41
CA GLY A 153 -6.72 -3.98 2.19
C GLY A 153 -6.23 -2.54 2.28
N PHE A 154 -6.97 -1.66 2.94
CA PHE A 154 -6.63 -0.24 3.05
C PHE A 154 -6.71 0.15 4.52
N PRO A 155 -5.70 -0.21 5.31
CA PRO A 155 -5.74 0.06 6.74
C PRO A 155 -5.40 1.50 7.11
N ASN A 156 -5.02 2.33 6.15
CA ASN A 156 -4.65 3.73 6.41
C ASN A 156 -5.76 4.70 6.02
N ILE A 157 -7.02 4.29 6.17
CA ILE A 157 -8.19 5.13 5.99
C ILE A 157 -9.00 5.00 7.27
N GLU A 158 -8.98 6.04 8.11
CA GLU A 158 -9.68 6.00 9.38
C GLU A 158 -10.87 6.96 9.34
N ILE A 159 -12.07 6.41 9.39
CA ILE A 159 -13.30 7.19 9.53
C ILE A 159 -13.70 7.18 10.99
N VAL A 160 -13.78 8.36 11.60
CA VAL A 160 -14.08 8.46 13.02
C VAL A 160 -15.31 9.31 13.31
N SER A 161 -15.77 10.12 12.36
CA SER A 161 -16.84 11.07 12.60
C SER A 161 -17.88 10.99 11.50
N THR A 162 -19.13 11.27 11.87
CA THR A 162 -20.14 11.56 10.88
C THR A 162 -19.90 12.97 10.32
N VAL A 163 -20.64 13.32 9.26
CA VAL A 163 -20.48 14.66 8.69
C VAL A 163 -21.00 15.72 9.66
N ARG A 164 -22.12 15.46 10.34
CA ARG A 164 -22.63 16.41 11.32
C ARG A 164 -21.65 16.59 12.47
N GLU A 165 -21.26 15.48 13.12
CA GLU A 165 -20.32 15.53 14.22
C GLU A 165 -19.11 16.40 13.89
N PHE A 166 -18.52 16.17 12.71
CA PHE A 166 -17.34 16.93 12.31
C PHE A 166 -17.67 18.39 12.02
N SER A 167 -18.90 18.68 11.62
CA SER A 167 -19.28 20.05 11.29
C SER A 167 -19.41 20.93 12.52
N GLU A 168 -19.75 20.37 13.68
CA GLU A 168 -19.89 21.21 14.86
C GLU A 168 -18.55 21.47 15.57
N ASN A 169 -17.51 20.72 15.23
CA ASN A 169 -16.18 20.96 15.76
C ASN A 169 -15.15 20.28 14.88
N ARG A 170 -14.26 21.05 14.26
CA ARG A 170 -13.22 20.48 13.41
C ARG A 170 -12.04 20.13 14.31
N THR A 171 -12.03 18.89 14.75
CA THR A 171 -11.07 18.39 15.73
C THR A 171 -10.66 16.95 15.50
N ARG A 172 -11.54 16.11 14.98
CA ARG A 172 -11.43 14.66 14.94
C ARG A 172 -11.68 14.21 13.51
N PRO A 173 -10.93 14.72 12.53
CA PRO A 173 -11.37 14.54 11.16
C PRO A 173 -11.13 13.12 10.64
N ASN A 174 -11.89 12.76 9.61
CA ASN A 174 -11.62 11.53 8.90
C ASN A 174 -10.35 11.69 8.08
N THR A 175 -9.45 10.72 8.19
CA THR A 175 -8.15 10.83 7.54
C THR A 175 -7.91 9.62 6.67
N GLY A 176 -7.02 9.82 5.71
CA GLY A 176 -6.60 8.76 4.82
C GLY A 176 -5.32 9.16 4.14
N SER A 177 -4.51 8.18 3.77
CA SER A 177 -3.30 8.45 3.04
C SER A 177 -3.58 8.50 1.54
N ALA A 178 -2.77 9.26 0.83
CA ALA A 178 -2.94 9.39 -0.62
C ALA A 178 -2.71 8.07 -1.33
N GLU A 179 -1.76 7.26 -0.84
CA GLU A 179 -1.47 5.97 -1.47
C GLU A 179 -2.63 4.99 -1.30
N ASP A 180 -3.26 4.97 -0.13
CA ASP A 180 -4.37 4.04 0.07
C ASP A 180 -5.58 4.44 -0.79
N LEU A 181 -5.84 5.75 -0.92
CA LEU A 181 -6.91 6.18 -1.79
C LEU A 181 -6.62 5.83 -3.25
N ALA A 182 -5.38 6.04 -3.69
CA ALA A 182 -5.02 5.70 -5.06
C ALA A 182 -5.08 4.19 -5.29
N ARG A 183 -4.61 3.40 -4.31
CA ARG A 183 -4.70 1.94 -4.43
C ARG A 183 -6.15 1.49 -4.49
N LEU A 184 -7.02 2.13 -3.70
CA LEU A 184 -8.45 1.85 -3.77
C LEU A 184 -9.00 2.11 -5.16
N LEU A 185 -8.63 3.25 -5.74
CA LEU A 185 -9.10 3.58 -7.09
C LEU A 185 -8.54 2.63 -8.13
N VAL A 186 -7.30 2.15 -7.95
CA VAL A 186 -6.71 1.18 -8.87
C VAL A 186 -7.58 -0.07 -8.94
N GLN A 187 -7.95 -0.60 -7.78
CA GLN A 187 -8.75 -1.84 -7.74
C GLN A 187 -10.14 -1.60 -8.27
N LEU A 188 -10.71 -0.42 -8.00
CA LEU A 188 -11.98 -0.06 -8.60
C LEU A 188 -11.90 -0.09 -10.13
N GLN A 189 -10.90 0.60 -10.69
CA GLN A 189 -10.76 0.64 -12.14
C GLN A 189 -10.45 -0.74 -12.72
N LYS A 190 -9.64 -1.54 -12.02
CA LYS A 190 -9.26 -2.85 -12.52
C LYS A 190 -10.43 -3.84 -12.55
N GLY A 191 -11.47 -3.60 -11.77
CA GLY A 191 -12.54 -4.57 -11.63
C GLY A 191 -12.35 -5.60 -10.55
N GLU A 192 -11.42 -5.36 -9.61
CA GLU A 192 -11.16 -6.29 -8.52
C GLU A 192 -11.85 -5.90 -7.21
N LEU A 193 -12.40 -4.69 -7.12
CA LEU A 193 -12.95 -4.20 -5.86
C LEU A 193 -14.42 -4.55 -5.68
N LEU A 194 -15.23 -4.32 -6.72
CA LEU A 194 -16.67 -4.51 -6.66
C LEU A 194 -17.12 -5.34 -7.86
N GLN A 195 -18.37 -5.78 -7.80
CA GLN A 195 -18.95 -6.48 -8.93
C GLN A 195 -18.94 -5.56 -10.16
N PRO A 196 -18.92 -6.14 -11.36
CA PRO A 196 -18.85 -5.31 -12.57
C PRO A 196 -19.95 -4.25 -12.65
N GLN A 197 -21.19 -4.61 -12.29
CA GLN A 197 -22.29 -3.65 -12.37
C GLN A 197 -22.19 -2.59 -11.29
N HIS A 198 -21.62 -2.91 -10.13
CA HIS A 198 -21.40 -1.90 -9.11
C HIS A 198 -20.22 -1.00 -9.46
N SER A 199 -19.18 -1.56 -10.09
CA SER A 199 -18.05 -0.73 -10.54
C SER A 199 -18.51 0.26 -11.61
N ALA A 200 -19.25 -0.23 -12.61
CA ALA A 200 -19.76 0.66 -13.65
C ALA A 200 -20.68 1.71 -13.06
N LEU A 201 -21.46 1.34 -12.05
CA LEU A 201 -22.38 2.30 -11.43
C LEU A 201 -21.61 3.39 -10.68
N LEU A 202 -20.57 3.02 -9.93
CA LEU A 202 -19.85 4.01 -9.15
C LEU A 202 -18.99 4.91 -10.04
N LEU A 203 -18.30 4.31 -11.01
CA LEU A 203 -17.49 5.13 -11.92
C LEU A 203 -18.36 6.06 -12.75
N GLY A 204 -19.56 5.61 -13.13
CA GLY A 204 -20.50 6.50 -13.79
C GLY A 204 -20.84 7.71 -12.95
N PHE A 205 -21.04 7.51 -11.65
CA PHE A 205 -21.27 8.64 -10.75
C PHE A 205 -20.06 9.56 -10.72
N MET A 206 -18.87 8.97 -10.57
CA MET A 206 -17.65 9.77 -10.47
C MET A 206 -17.33 10.48 -11.78
N HIS A 207 -17.74 9.91 -12.92
CA HIS A 207 -17.56 10.61 -14.18
C HIS A 207 -18.43 11.86 -14.26
N ARG A 208 -19.61 11.82 -13.65
CA ARG A 208 -20.56 12.94 -13.68
C ARG A 208 -20.39 13.89 -12.52
N ALA A 209 -19.42 13.65 -11.63
CA ALA A 209 -19.19 14.56 -10.51
C ALA A 209 -18.92 15.97 -11.02
N THR A 210 -19.57 16.95 -10.40
CA THR A 210 -19.55 18.33 -10.89
C THR A 210 -18.80 19.28 -9.97
N THR A 211 -18.25 18.81 -8.86
CA THR A 211 -17.63 19.69 -7.88
C THR A 211 -16.14 19.94 -8.13
N GLY A 212 -15.53 19.26 -9.10
CA GLY A 212 -14.09 19.40 -9.30
C GLY A 212 -13.65 19.81 -10.69
N THR A 213 -14.44 20.67 -11.35
CA THR A 213 -14.12 21.08 -12.72
C THR A 213 -12.75 21.76 -12.80
N GLU A 214 -12.30 22.39 -11.72
CA GLU A 214 -11.03 23.12 -11.71
C GLU A 214 -9.86 22.31 -11.17
N ARG A 215 -10.10 21.06 -10.78
CA ARG A 215 -9.03 20.30 -10.11
C ARG A 215 -8.42 19.27 -11.06
N LEU A 216 -8.68 17.98 -10.88
CA LEU A 216 -8.02 16.99 -11.73
C LEU A 216 -8.30 17.24 -13.22
N ARG A 217 -9.49 17.76 -13.55
CA ARG A 217 -9.83 18.05 -14.95
C ARG A 217 -9.24 19.36 -15.48
N GLY A 218 -8.67 20.20 -14.60
CA GLY A 218 -8.42 21.58 -14.96
C GLY A 218 -7.48 21.79 -16.14
N SER A 219 -6.44 20.96 -16.24
CA SER A 219 -5.37 21.21 -17.22
C SER A 219 -5.11 20.01 -18.13
N LEU A 220 -6.06 19.09 -18.25
CA LEU A 220 -5.81 17.95 -19.11
C LEU A 220 -6.22 18.27 -20.54
N PRO A 221 -5.64 17.58 -21.53
CA PRO A 221 -6.05 17.79 -22.92
C PRO A 221 -7.55 17.59 -23.10
N VAL A 222 -8.11 18.33 -24.06
CA VAL A 222 -9.53 18.21 -24.36
C VAL A 222 -9.83 16.78 -24.78
N GLY A 223 -10.93 16.24 -24.27
CA GLY A 223 -11.31 14.87 -24.55
C GLY A 223 -10.74 13.82 -23.62
N THR A 224 -10.25 14.21 -22.43
CA THR A 224 -9.71 13.23 -21.50
C THR A 224 -10.77 12.79 -20.51
N PRO A 225 -11.16 11.51 -20.49
CA PRO A 225 -12.12 11.04 -19.48
C PRO A 225 -11.52 11.10 -18.09
N VAL A 226 -12.27 11.68 -17.15
CA VAL A 226 -11.86 11.78 -15.75
C VAL A 226 -13.03 11.43 -14.84
N ALA A 227 -12.81 10.49 -13.92
CA ALA A 227 -13.72 10.20 -12.81
C ALA A 227 -13.08 10.70 -11.51
N ASP A 228 -13.80 11.50 -10.73
CA ASP A 228 -13.17 12.12 -9.57
C ASP A 228 -14.14 12.31 -8.42
N LYS A 229 -13.57 12.54 -7.23
CA LYS A 229 -14.28 12.92 -6.01
C LYS A 229 -13.45 13.96 -5.29
N THR A 230 -14.05 15.10 -4.98
CA THR A 230 -13.33 16.21 -4.39
C THR A 230 -13.58 16.30 -2.88
N GLY A 231 -12.74 17.09 -2.23
CA GLY A 231 -12.94 17.45 -0.83
C GLY A 231 -12.53 18.88 -0.60
N THR A 232 -13.39 19.67 0.06
CA THR A 232 -13.13 21.09 0.28
C THR A 232 -13.56 21.49 1.68
N GLY A 233 -12.66 22.15 2.41
CA GLY A 233 -13.02 22.85 3.62
C GLY A 233 -13.15 24.34 3.33
N ASP A 234 -13.93 25.04 4.16
CA ASP A 234 -14.14 26.46 3.93
C ASP A 234 -12.88 27.25 4.20
N ALA A 235 -12.66 28.29 3.41
CA ALA A 235 -11.53 29.21 3.55
C ALA A 235 -10.20 28.54 3.21
N GLY A 236 -10.22 27.60 2.27
CA GLY A 236 -9.00 26.98 1.79
C GLY A 236 -8.24 26.17 2.81
N VAL A 237 -8.89 25.75 3.89
CA VAL A 237 -8.20 24.93 4.88
C VAL A 237 -7.82 23.59 4.29
N VAL A 238 -8.64 23.07 3.38
CA VAL A 238 -8.44 21.74 2.77
C VAL A 238 -8.92 21.79 1.34
N THR A 239 -8.11 21.27 0.41
CA THR A 239 -8.50 21.12 -0.99
C THR A 239 -8.01 19.76 -1.48
N ASN A 240 -8.95 18.85 -1.76
CA ASN A 240 -8.62 17.48 -2.10
C ASN A 240 -9.24 17.10 -3.44
N ASP A 241 -8.57 16.18 -4.16
CA ASP A 241 -9.17 15.52 -5.32
C ASP A 241 -8.51 14.17 -5.54
N VAL A 242 -9.33 13.13 -5.69
CA VAL A 242 -8.87 11.78 -6.00
C VAL A 242 -9.66 11.30 -7.20
N GLY A 243 -9.03 10.53 -8.08
CA GLY A 243 -9.77 10.08 -9.25
C GLY A 243 -8.95 9.22 -10.19
N ILE A 244 -9.59 8.92 -11.32
CA ILE A 244 -9.04 8.06 -12.36
C ILE A 244 -9.06 8.84 -13.67
N ILE A 245 -7.89 8.95 -14.30
CA ILE A 245 -7.75 9.60 -15.59
C ILE A 245 -7.58 8.52 -16.64
N THR A 246 -8.40 8.56 -17.68
CA THR A 246 -8.27 7.64 -18.79
C THR A 246 -7.27 8.21 -19.80
N LEU A 247 -6.15 7.52 -19.96
CA LEU A 247 -5.15 7.91 -20.94
C LEU A 247 -5.65 7.63 -22.36
N PRO A 248 -5.04 8.26 -23.37
CA PRO A 248 -5.54 8.06 -24.75
C PRO A 248 -5.14 6.69 -25.25
N LYS A 249 -5.32 6.45 -26.57
CA LYS A 249 -4.64 5.31 -27.17
C LYS A 249 -5.10 4.00 -26.57
N GLY A 250 -4.12 3.23 -26.13
CA GLY A 250 -4.33 2.05 -25.33
C GLY A 250 -3.30 2.09 -24.21
N GLN A 251 -3.07 3.29 -23.67
CA GLN A 251 -2.03 3.53 -22.67
C GLN A 251 -2.50 3.39 -21.23
N GLY A 252 -3.76 3.04 -20.99
CA GLY A 252 -4.16 2.72 -19.63
C GLY A 252 -4.85 3.82 -18.86
N HIS A 253 -4.73 3.75 -17.53
CA HIS A 253 -5.43 4.65 -16.62
C HIS A 253 -4.49 5.08 -15.52
N LEU A 254 -4.74 6.25 -14.96
CA LEU A 254 -3.99 6.80 -13.83
C LEU A 254 -4.91 6.96 -12.63
N ALA A 255 -4.59 6.28 -11.54
CA ALA A 255 -5.23 6.57 -10.26
C ALA A 255 -4.40 7.63 -9.55
N ILE A 256 -5.07 8.68 -9.08
CA ILE A 256 -4.36 9.85 -8.57
C ILE A 256 -5.12 10.40 -7.37
N ALA A 257 -4.39 10.67 -6.29
CA ALA A 257 -4.95 11.27 -5.10
C ALA A 257 -4.06 12.44 -4.69
N VAL A 258 -4.66 13.62 -4.52
CA VAL A 258 -3.97 14.81 -4.06
C VAL A 258 -4.71 15.36 -2.84
N LEU A 259 -4.03 15.41 -1.69
CA LEU A 259 -4.62 15.88 -0.44
C LEU A 259 -3.82 17.10 0.03
N ILE A 260 -4.46 18.27 0.05
CA ILE A 260 -3.81 19.52 0.45
C ILE A 260 -4.45 20.01 1.74
N SER A 261 -3.64 20.14 2.79
CA SER A 261 -4.10 20.52 4.12
C SER A 261 -3.35 21.74 4.59
N GLY A 262 -4.10 22.78 4.99
CA GLY A 262 -3.51 23.97 5.59
C GLY A 262 -2.52 24.72 4.73
N SER A 263 -2.82 24.91 3.45
CA SER A 263 -1.89 25.60 2.56
C SER A 263 -1.91 27.10 2.81
N LYS A 264 -0.79 27.75 2.49
CA LYS A 264 -0.75 29.21 2.47
C LYS A 264 -1.49 29.77 1.26
N LEU A 265 -1.60 29.00 0.19
CA LEU A 265 -2.10 29.51 -1.07
C LEU A 265 -3.60 29.80 -0.99
N SER A 266 -4.05 30.65 -1.90
CA SER A 266 -5.47 30.92 -2.04
C SER A 266 -6.20 29.68 -2.56
N PRO A 267 -7.53 29.63 -2.39
CA PRO A 267 -8.28 28.47 -2.91
C PRO A 267 -8.05 28.21 -4.40
N ALA A 268 -8.08 29.25 -5.23
CA ALA A 268 -7.86 29.07 -6.66
C ALA A 268 -6.49 28.48 -6.94
N ALA A 269 -5.46 28.97 -6.23
CA ALA A 269 -4.12 28.45 -6.45
C ALA A 269 -4.00 27.01 -5.98
N GLN A 270 -4.74 26.62 -4.94
CA GLN A 270 -4.71 25.24 -4.48
C GLN A 270 -5.36 24.31 -5.48
N GLU A 271 -6.48 24.73 -6.09
CA GLU A 271 -7.07 23.96 -7.16
C GLU A 271 -6.13 23.88 -8.36
N LYS A 272 -5.41 24.96 -8.64
CA LYS A 272 -4.47 24.95 -9.75
C LYS A 272 -3.29 24.03 -9.46
N LEU A 273 -2.93 23.87 -8.17
CA LEU A 273 -1.92 22.90 -7.82
C LEU A 273 -2.37 21.49 -8.19
N ILE A 274 -3.62 21.15 -7.88
CA ILE A 274 -4.14 19.83 -8.20
C ILE A 274 -4.20 19.62 -9.71
N ALA A 275 -4.68 20.63 -10.45
CA ALA A 275 -4.76 20.52 -11.91
C ALA A 275 -3.38 20.31 -12.53
N GLU A 276 -2.38 21.01 -12.01
CA GLU A 276 -1.03 20.92 -12.58
C GLU A 276 -0.36 19.60 -12.21
N ILE A 277 -0.62 19.10 -11.00
CA ILE A 277 -0.13 17.77 -10.65
C ILE A 277 -0.70 16.72 -11.60
N ALA A 278 -2.00 16.81 -11.89
CA ALA A 278 -2.62 15.83 -12.77
C ALA A 278 -2.03 15.88 -14.17
N ARG A 279 -1.77 17.09 -14.68
CA ARG A 279 -1.24 17.22 -16.03
C ARG A 279 0.19 16.71 -16.10
N ALA A 280 0.98 16.93 -15.05
CA ALA A 280 2.34 16.40 -15.01
C ALA A 280 2.32 14.87 -15.01
N ALA A 281 1.45 14.26 -14.20
CA ALA A 281 1.36 12.81 -14.19
C ALA A 281 0.86 12.29 -15.53
N TYR A 282 -0.12 12.97 -16.12
CA TYR A 282 -0.60 12.60 -17.45
C TYR A 282 0.54 12.62 -18.47
N ASP A 283 1.29 13.72 -18.49
CA ASP A 283 2.35 13.88 -19.49
C ASP A 283 3.43 12.82 -19.34
N ALA A 284 3.78 12.47 -18.09
CA ALA A 284 4.84 11.50 -17.87
C ALA A 284 4.45 10.11 -18.39
N HIS A 285 3.17 9.74 -18.28
CA HIS A 285 2.72 8.39 -18.60
C HIS A 285 2.19 8.24 -20.02
N VAL A 286 2.12 9.32 -20.79
CA VAL A 286 1.61 9.29 -22.16
C VAL A 286 2.79 9.45 -23.11
N SER A 287 2.71 8.75 -24.25
CA SER A 287 3.76 8.78 -25.27
C SER A 287 3.54 9.93 -26.26
N GLU B 20 -14.40 -12.85 14.86
CA GLU B 20 -14.16 -12.51 16.26
C GLU B 20 -12.67 -12.53 16.59
N ALA B 21 -12.02 -13.66 16.30
CA ALA B 21 -10.60 -13.77 16.62
C ALA B 21 -9.79 -12.82 15.75
N ILE B 22 -10.18 -12.67 14.48
CA ILE B 22 -9.51 -11.75 13.57
C ILE B 22 -9.98 -10.32 13.79
N SER B 23 -11.17 -10.14 14.37
CA SER B 23 -11.62 -8.79 14.72
C SER B 23 -10.65 -8.17 15.72
N MET B 24 -10.22 -8.97 16.70
CA MET B 24 -9.38 -8.52 17.79
C MET B 24 -7.90 -8.84 17.57
N LEU B 25 -7.50 -9.12 16.32
CA LEU B 25 -6.09 -9.41 16.07
C LEU B 25 -5.21 -8.22 16.41
N THR B 26 -5.69 -7.00 16.19
CA THR B 26 -4.87 -5.84 16.51
C THR B 26 -4.70 -5.67 18.01
N GLU B 27 -5.72 -6.02 18.82
CA GLU B 27 -5.57 -6.23 20.26
C GLU B 27 -4.44 -7.18 20.60
N ARG B 28 -4.50 -8.41 20.06
CA ARG B 28 -3.55 -9.46 20.43
C ARG B 28 -2.12 -9.11 20.01
N LEU B 29 -1.93 -8.62 18.78
CA LEU B 29 -0.58 -8.25 18.36
C LEU B 29 -0.05 -7.04 19.14
N SER B 30 -0.90 -6.05 19.37
CA SER B 30 -0.44 -4.87 20.11
C SER B 30 -0.09 -5.22 21.55
N SER B 31 -0.77 -6.21 22.13
CA SER B 31 -0.46 -6.65 23.48
C SER B 31 0.74 -7.60 23.52
N ILE B 32 0.99 -8.33 22.42
CA ILE B 32 2.16 -9.21 22.35
C ILE B 32 3.45 -8.40 22.31
N ILE B 33 3.43 -7.26 21.60
CA ILE B 33 4.63 -6.43 21.44
C ILE B 33 4.67 -5.28 22.43
N ASN B 34 3.72 -5.21 23.36
CA ASN B 34 3.55 -4.03 24.20
C ASN B 34 4.81 -3.64 24.96
N ALA B 35 5.60 -4.61 25.42
CA ALA B 35 6.78 -4.31 26.22
C ALA B 35 8.09 -4.63 25.54
N ALA B 36 8.08 -4.89 24.23
CA ALA B 36 9.33 -5.15 23.53
C ALA B 36 10.16 -3.88 23.31
N GLY B 37 9.54 -2.70 23.37
CA GLY B 37 10.26 -1.49 23.08
C GLY B 37 10.68 -1.41 21.62
N GLY B 38 11.51 -0.41 21.34
CA GLY B 38 12.05 -0.24 19.99
C GLY B 38 10.99 0.17 18.97
N ASP B 39 11.31 -0.10 17.70
CA ASP B 39 10.43 0.18 16.59
C ASP B 39 10.05 -1.14 15.92
N ILE B 40 8.77 -1.46 15.96
CA ILE B 40 8.27 -2.74 15.48
C ILE B 40 7.16 -2.48 14.47
N GLY B 41 7.33 -2.97 13.25
CA GLY B 41 6.32 -2.87 12.21
C GLY B 41 5.79 -4.26 11.88
N ILE B 42 4.47 -4.37 11.81
CA ILE B 42 3.80 -5.62 11.52
C ILE B 42 2.78 -5.40 10.42
N ALA B 43 2.78 -6.29 9.43
CA ALA B 43 1.72 -6.32 8.42
C ALA B 43 1.36 -7.76 8.16
N VAL B 44 0.06 -8.05 8.20
CA VAL B 44 -0.49 -9.37 7.92
C VAL B 44 -1.60 -9.18 6.89
N ILE B 45 -1.47 -9.83 5.75
CA ILE B 45 -2.45 -9.70 4.67
C ILE B 45 -2.91 -11.09 4.25
N HIS B 46 -4.20 -11.33 4.37
CA HIS B 46 -4.79 -12.55 3.82
C HIS B 46 -4.78 -12.44 2.30
N VAL B 47 -4.04 -13.33 1.64
CA VAL B 47 -3.74 -13.17 0.23
C VAL B 47 -5.04 -13.17 -0.59
N GLU B 48 -5.97 -14.07 -0.27
CA GLU B 48 -7.11 -14.28 -1.15
C GLU B 48 -8.14 -13.17 -1.02
N THR B 49 -8.38 -12.65 0.18
CA THR B 49 -9.38 -11.63 0.39
C THR B 49 -8.82 -10.21 0.46
N GLY B 50 -7.55 -10.06 0.80
CA GLY B 50 -6.98 -8.76 1.04
C GLY B 50 -7.07 -8.27 2.46
N HIS B 51 -7.75 -9.00 3.34
CA HIS B 51 -7.91 -8.58 4.73
C HIS B 51 -6.56 -8.29 5.37
N THR B 52 -6.43 -7.08 5.93
CA THR B 52 -5.15 -6.55 6.38
C THR B 52 -5.19 -6.19 7.84
N THR B 53 -4.16 -6.61 8.58
CA THR B 53 -3.92 -6.19 9.96
C THR B 53 -2.51 -5.61 10.01
N ALA B 54 -2.38 -4.39 10.51
CA ALA B 54 -1.08 -3.73 10.51
C ALA B 54 -0.88 -2.91 11.77
N ILE B 55 0.36 -2.92 12.25
CA ILE B 55 0.80 -2.06 13.35
C ILE B 55 2.08 -1.38 12.89
N GLN B 56 2.07 -0.04 12.86
CA GLN B 56 3.17 0.75 12.31
C GLN B 56 3.55 0.26 10.92
N GLY B 57 2.55 -0.07 10.12
CA GLY B 57 2.79 -0.72 8.84
C GLY B 57 3.42 0.18 7.79
N THR B 58 3.35 1.50 7.98
CA THR B 58 3.87 2.43 7.00
C THR B 58 5.23 3.02 7.37
N THR B 59 5.73 2.73 8.58
CA THR B 59 7.03 3.23 8.99
C THR B 59 8.15 2.45 8.31
N GLN B 60 9.10 3.16 7.72
CA GLN B 60 10.21 2.51 7.03
C GLN B 60 11.30 2.15 8.03
N LEU B 61 11.68 0.89 8.06
CA LEU B 61 12.56 0.34 9.08
C LEU B 61 13.71 -0.40 8.41
N PRO B 62 14.84 -0.56 9.11
CA PRO B 62 16.00 -1.21 8.47
C PRO B 62 15.71 -2.64 8.06
N LEU B 63 16.09 -2.97 6.83
CA LEU B 63 15.78 -4.27 6.24
C LEU B 63 16.84 -5.32 6.51
N TYR B 64 18.11 -4.91 6.50
CA TYR B 64 19.25 -5.83 6.56
C TYR B 64 19.03 -6.87 5.46
N SER B 65 19.09 -8.17 5.76
CA SER B 65 19.04 -9.18 4.71
C SER B 65 17.67 -9.31 4.06
N VAL B 66 16.64 -8.66 4.58
CA VAL B 66 15.33 -8.70 3.93
C VAL B 66 15.42 -8.08 2.55
N PHE B 67 16.35 -7.14 2.34
CA PHE B 67 16.50 -6.51 1.03
C PHE B 67 16.81 -7.51 -0.06
N LYS B 68 17.29 -8.71 0.29
CA LYS B 68 17.60 -9.72 -0.71
C LYS B 68 16.36 -10.18 -1.47
N LEU B 69 15.17 -9.96 -0.91
CA LEU B 69 13.94 -10.36 -1.59
C LEU B 69 13.59 -9.34 -2.67
N PRO B 70 13.51 -8.02 -2.38
CA PRO B 70 13.40 -7.05 -3.47
C PRO B 70 14.51 -7.17 -4.50
N LEU B 71 15.73 -7.47 -4.06
CA LEU B 71 16.84 -7.65 -4.99
C LEU B 71 16.57 -8.83 -5.94
N ALA B 72 16.09 -9.96 -5.40
CA ALA B 72 15.81 -11.12 -6.23
C ALA B 72 14.72 -10.81 -7.25
N ILE B 73 13.74 -9.99 -6.86
CA ILE B 73 12.69 -9.58 -7.78
C ILE B 73 13.27 -8.74 -8.91
N ALA B 74 14.15 -7.79 -8.57
CA ALA B 74 14.77 -6.95 -9.59
C ALA B 74 15.60 -7.79 -10.56
N VAL B 75 16.30 -8.81 -10.05
CA VAL B 75 17.11 -9.68 -10.91
C VAL B 75 16.22 -10.44 -11.88
N LEU B 76 15.13 -11.02 -11.37
CA LEU B 76 14.24 -11.81 -12.22
C LEU B 76 13.47 -10.93 -13.22
N LYS B 77 13.19 -9.68 -12.87
CA LYS B 77 12.60 -8.77 -13.84
C LYS B 77 13.55 -8.48 -14.99
N GLU B 78 14.85 -8.31 -14.68
CA GLU B 78 15.85 -8.15 -15.73
C GLU B 78 15.86 -9.35 -16.66
N ILE B 79 15.73 -10.55 -16.11
CA ILE B 79 15.71 -11.75 -16.94
C ILE B 79 14.46 -11.78 -17.81
N GLU B 80 13.32 -11.34 -17.26
CA GLU B 80 12.08 -11.35 -18.03
C GLU B 80 12.10 -10.35 -19.17
N GLU B 81 12.96 -9.34 -19.09
CA GLU B 81 13.14 -8.39 -20.18
C GLU B 81 14.43 -8.65 -20.95
N ASN B 82 15.03 -9.83 -20.77
CA ASN B 82 16.08 -10.35 -21.64
C ASN B 82 17.34 -9.50 -21.58
N ARG B 83 17.59 -8.86 -20.44
CA ARG B 83 18.84 -8.17 -20.16
C ARG B 83 19.76 -9.00 -19.30
N LEU B 84 19.35 -10.24 -19.02
CA LEU B 84 20.03 -11.18 -18.14
C LEU B 84 19.41 -12.54 -18.42
N GLN B 85 20.15 -13.59 -18.12
CA GLN B 85 19.62 -14.94 -18.21
C GLN B 85 19.96 -15.70 -16.94
N LEU B 86 19.15 -16.71 -16.63
CA LEU B 86 19.35 -17.46 -15.40
C LEU B 86 20.65 -18.26 -15.43
N ASP B 87 21.04 -18.77 -16.61
CA ASP B 87 22.23 -19.60 -16.72
C ASP B 87 23.49 -18.82 -17.03
N ARG B 88 23.46 -17.50 -16.97
CA ARG B 88 24.67 -16.72 -17.18
C ARG B 88 25.68 -17.00 -16.07
N LYS B 89 26.91 -17.32 -16.46
CA LYS B 89 27.97 -17.56 -15.50
C LYS B 89 28.50 -16.24 -14.96
N VAL B 90 28.72 -16.19 -13.65
CA VAL B 90 29.25 -15.02 -12.96
C VAL B 90 30.43 -15.46 -12.11
N ARG B 91 31.56 -14.78 -12.26
CA ARG B 91 32.77 -15.12 -11.54
C ARG B 91 32.80 -14.42 -10.19
N VAL B 92 32.95 -15.19 -9.12
CA VAL B 92 33.08 -14.68 -7.77
C VAL B 92 34.47 -15.02 -7.26
N THR B 93 35.15 -14.02 -6.70
CA THR B 93 36.49 -14.15 -6.16
C THR B 93 36.51 -13.77 -4.69
N PRO B 94 37.51 -14.22 -3.92
CA PRO B 94 37.63 -13.79 -2.52
C PRO B 94 37.68 -12.27 -2.37
N ALA B 95 38.10 -11.57 -3.43
CA ALA B 95 38.09 -10.11 -3.41
C ALA B 95 36.68 -9.56 -3.27
N ASP B 96 35.66 -10.36 -3.61
CA ASP B 96 34.26 -9.96 -3.44
C ASP B 96 33.74 -10.21 -2.03
N VAL B 97 34.49 -10.90 -1.18
CA VAL B 97 34.08 -11.14 0.20
C VAL B 97 34.63 -10.02 1.07
N ALA B 98 33.73 -9.34 1.77
CA ALA B 98 34.12 -8.28 2.70
C ALA B 98 34.81 -8.88 3.92
N PRO B 99 35.62 -8.08 4.63
CA PRO B 99 36.34 -8.61 5.79
C PRO B 99 35.44 -9.25 6.85
N GLY B 100 34.42 -8.53 7.31
CA GLY B 100 33.60 -9.02 8.40
C GLY B 100 32.68 -10.18 8.06
N TRP B 101 32.57 -10.55 6.79
CA TRP B 101 31.67 -11.62 6.38
C TRP B 101 32.33 -12.96 6.65
N THR B 102 32.03 -13.54 7.80
CA THR B 102 32.56 -14.83 8.21
C THR B 102 31.55 -15.95 8.14
N ALA B 103 30.25 -15.63 8.07
CA ALA B 103 29.21 -16.64 8.23
C ALA B 103 29.23 -17.63 7.07
N ASN B 104 29.21 -17.14 5.84
CA ASN B 104 29.14 -17.99 4.66
C ASN B 104 30.43 -17.98 3.86
N ALA B 105 31.53 -17.46 4.44
CA ALA B 105 32.77 -17.28 3.69
C ALA B 105 33.42 -18.59 3.25
N ALA B 106 32.88 -19.74 3.66
CA ALA B 106 33.49 -21.02 3.31
C ALA B 106 33.26 -21.38 1.85
N MET B 107 32.18 -20.88 1.25
CA MET B 107 31.92 -21.15 -0.16
C MET B 107 32.75 -20.28 -1.09
N TRP B 108 33.30 -19.19 -0.59
CA TRP B 108 34.01 -18.20 -1.40
C TRP B 108 35.50 -18.16 -1.07
N ARG B 109 36.11 -19.33 -0.90
CA ARG B 109 37.51 -19.34 -0.53
C ARG B 109 38.39 -19.33 -1.77
N ARG B 110 37.92 -19.97 -2.84
CA ARG B 110 38.56 -19.96 -4.14
C ARG B 110 37.70 -19.21 -5.16
N PRO B 111 38.33 -18.67 -6.21
CA PRO B 111 37.55 -18.13 -7.33
C PRO B 111 36.59 -19.19 -7.87
N ILE B 112 35.34 -18.78 -8.12
CA ILE B 112 34.30 -19.75 -8.44
C ILE B 112 33.30 -19.11 -9.40
N ASP B 113 32.77 -19.92 -10.31
CA ASP B 113 31.73 -19.50 -11.23
C ASP B 113 30.38 -20.01 -10.77
N ARG B 114 29.42 -19.11 -10.62
CA ARG B 114 28.05 -19.46 -10.29
C ARG B 114 27.11 -18.82 -11.31
N THR B 115 26.09 -19.58 -11.72
CA THR B 115 25.06 -18.98 -12.54
C THR B 115 24.25 -17.98 -11.74
N VAL B 116 23.52 -17.12 -12.46
CA VAL B 116 22.65 -16.15 -11.80
C VAL B 116 21.63 -16.85 -10.91
N ALA B 117 21.09 -17.98 -11.38
CA ALA B 117 20.15 -18.74 -10.57
C ALA B 117 20.80 -19.27 -9.30
N GLN B 118 22.03 -19.79 -9.41
CA GLN B 118 22.71 -20.29 -8.22
C GLN B 118 23.04 -19.15 -7.24
N LEU B 119 23.26 -17.94 -7.75
CA LEU B 119 23.54 -16.82 -6.86
C LEU B 119 22.29 -16.42 -6.08
N ILE B 120 21.13 -16.34 -6.75
CA ILE B 120 19.88 -16.08 -6.05
C ILE B 120 19.62 -17.16 -5.01
N GLU B 121 19.86 -18.42 -5.39
CA GLU B 121 19.64 -19.57 -4.50
C GLU B 121 20.31 -19.36 -3.14
N VAL B 122 21.63 -19.16 -3.11
CA VAL B 122 22.32 -19.03 -1.83
C VAL B 122 21.93 -17.72 -1.14
N SER B 123 21.63 -16.68 -1.93
CA SER B 123 21.28 -15.39 -1.35
C SER B 123 19.96 -15.48 -0.57
N ILE B 124 19.01 -16.27 -1.06
CA ILE B 124 17.73 -16.43 -0.38
C ILE B 124 17.82 -17.48 0.72
N ILE B 125 18.39 -18.64 0.39
CA ILE B 125 18.35 -19.79 1.29
C ILE B 125 19.30 -19.60 2.47
N ARG B 126 20.53 -19.16 2.20
CA ARG B 126 21.54 -19.01 3.25
C ARG B 126 21.77 -17.56 3.64
N SER B 127 21.06 -16.62 3.01
CA SER B 127 21.21 -15.20 3.26
C SER B 127 22.67 -14.76 3.09
N ASP B 128 23.30 -15.24 2.02
CA ASP B 128 24.70 -14.98 1.74
C ASP B 128 24.90 -13.56 1.22
N ASN B 129 25.81 -12.81 1.88
CA ASN B 129 26.08 -11.43 1.49
C ASN B 129 26.92 -11.33 0.22
N THR B 130 27.86 -12.26 0.01
CA THR B 130 28.73 -12.17 -1.16
C THR B 130 27.94 -12.27 -2.45
N SER B 131 27.09 -13.29 -2.57
CA SER B 131 26.29 -13.45 -3.78
C SER B 131 25.32 -12.30 -3.97
N SER B 132 24.77 -11.76 -2.87
CA SER B 132 23.84 -10.63 -2.96
C SER B 132 24.50 -9.42 -3.58
N ASP B 133 25.72 -9.10 -3.14
CA ASP B 133 26.40 -7.92 -3.68
C ASP B 133 26.77 -8.11 -5.15
N LYS B 134 27.06 -9.35 -5.56
CA LYS B 134 27.26 -9.59 -6.99
C LYS B 134 25.97 -9.36 -7.78
N LEU B 135 24.84 -9.84 -7.26
CA LEU B 135 23.56 -9.62 -7.92
C LEU B 135 23.22 -8.14 -7.98
N LEU B 136 23.52 -7.39 -6.92
CA LEU B 136 23.27 -5.96 -6.90
C LEU B 136 23.97 -5.24 -8.05
N GLN B 137 25.21 -5.64 -8.36
CA GLN B 137 25.92 -5.00 -9.47
C GLN B 137 25.31 -5.39 -10.81
N LEU B 138 24.87 -6.64 -10.95
CA LEU B 138 24.29 -7.08 -12.22
C LEU B 138 23.05 -6.29 -12.58
N VAL B 139 22.29 -5.81 -11.60
CA VAL B 139 21.06 -5.08 -11.90
C VAL B 139 21.26 -3.58 -11.96
N GLY B 140 22.41 -3.07 -11.55
CA GLY B 140 22.69 -1.65 -11.59
C GLY B 140 22.75 -0.94 -10.25
N GLY B 141 23.00 -1.65 -9.15
CA GLY B 141 23.21 -1.01 -7.87
C GLY B 141 21.92 -0.69 -7.13
N PRO B 142 22.06 -0.10 -5.94
CA PRO B 142 20.88 0.20 -5.10
C PRO B 142 19.79 1.01 -5.79
N ALA B 143 20.15 2.03 -6.56
CA ALA B 143 19.12 2.86 -7.20
C ALA B 143 18.28 2.06 -8.19
N ALA B 144 18.90 1.09 -8.87
CA ALA B 144 18.16 0.29 -9.85
C ALA B 144 17.11 -0.58 -9.16
N VAL B 145 17.44 -1.14 -8.00
CA VAL B 145 16.46 -1.92 -7.26
C VAL B 145 15.34 -1.01 -6.76
N THR B 146 15.69 0.16 -6.23
CA THR B 146 14.67 1.09 -5.74
C THR B 146 13.76 1.54 -6.88
N HIS B 147 14.33 1.84 -8.05
CA HIS B 147 13.49 2.23 -9.18
C HIS B 147 12.57 1.08 -9.59
N ARG B 148 13.10 -0.15 -9.62
CA ARG B 148 12.27 -1.30 -9.97
C ARG B 148 11.13 -1.48 -8.97
N MET B 149 11.39 -1.25 -7.68
CA MET B 149 10.33 -1.38 -6.69
C MET B 149 9.23 -0.35 -6.93
N ARG B 150 9.62 0.89 -7.25
CA ARG B 150 8.62 1.92 -7.55
C ARG B 150 7.81 1.55 -8.78
N ALA B 151 8.47 1.03 -9.81
CA ALA B 151 7.79 0.65 -11.05
C ALA B 151 6.80 -0.49 -10.83
N LEU B 152 7.05 -1.34 -9.84
CA LEU B 152 6.14 -2.45 -9.56
C LEU B 152 5.04 -2.08 -8.58
N GLY B 153 5.12 -0.92 -7.95
CA GLY B 153 4.11 -0.45 -7.04
C GLY B 153 4.50 -0.39 -5.58
N PHE B 154 5.79 -0.33 -5.28
CA PHE B 154 6.29 -0.37 -3.90
C PHE B 154 7.24 0.81 -3.68
N PRO B 155 6.70 2.02 -3.52
CA PRO B 155 7.55 3.20 -3.36
C PRO B 155 8.14 3.37 -1.96
N ASN B 156 7.76 2.53 -0.99
CA ASN B 156 8.27 2.63 0.37
C ASN B 156 9.35 1.61 0.67
N ILE B 157 10.13 1.24 -0.34
CA ILE B 157 11.31 0.39 -0.18
C ILE B 157 12.45 1.11 -0.89
N GLU B 158 13.37 1.71 -0.12
CA GLU B 158 14.51 2.36 -0.73
C GLU B 158 15.78 1.58 -0.38
N ILE B 159 16.44 1.06 -1.41
CA ILE B 159 17.76 0.47 -1.30
C ILE B 159 18.77 1.55 -1.64
N VAL B 160 19.67 1.85 -0.70
CA VAL B 160 20.62 2.94 -0.88
C VAL B 160 22.08 2.50 -0.76
N SER B 161 22.37 1.34 -0.18
CA SER B 161 23.73 0.90 0.09
C SER B 161 23.90 -0.56 -0.35
N THR B 162 25.13 -0.90 -0.74
CA THR B 162 25.51 -2.30 -0.82
C THR B 162 25.72 -2.85 0.60
N VAL B 163 25.85 -4.17 0.72
CA VAL B 163 26.10 -4.79 2.03
C VAL B 163 27.46 -4.34 2.54
N ARG B 164 28.37 -4.14 1.60
CA ARG B 164 29.71 -3.63 1.82
C ARG B 164 29.67 -2.26 2.46
N GLU B 165 29.07 -1.29 1.75
CA GLU B 165 28.96 0.05 2.26
C GLU B 165 28.36 0.04 3.65
N PHE B 166 27.25 -0.68 3.81
CA PHE B 166 26.55 -0.68 5.09
C PHE B 166 27.32 -1.41 6.18
N SER B 167 28.13 -2.42 5.83
CA SER B 167 28.86 -3.12 6.87
C SER B 167 30.01 -2.27 7.40
N GLU B 168 30.59 -1.42 6.56
CA GLU B 168 31.66 -0.52 6.96
C GLU B 168 31.15 0.79 7.53
N ASN B 169 29.86 1.09 7.39
CA ASN B 169 29.29 2.30 7.99
C ASN B 169 27.79 2.09 8.11
N ARG B 170 27.28 2.06 9.35
CA ARG B 170 25.87 1.87 9.62
C ARG B 170 25.10 3.19 9.73
N THR B 171 25.43 4.19 8.91
CA THR B 171 24.79 5.49 9.07
C THR B 171 23.45 5.55 8.36
N ARG B 172 23.36 4.98 7.16
CA ARG B 172 22.20 5.13 6.28
C ARG B 172 21.77 3.79 5.68
N PRO B 173 20.92 3.04 6.37
CA PRO B 173 20.58 1.69 5.94
C PRO B 173 19.48 1.63 4.87
N ASN B 174 19.37 0.46 4.26
CA ASN B 174 18.23 0.16 3.39
C ASN B 174 16.99 -0.03 4.25
N THR B 175 15.90 0.63 3.86
CA THR B 175 14.69 0.64 4.67
C THR B 175 13.48 0.22 3.86
N GLY B 176 12.46 -0.25 4.57
CA GLY B 176 11.20 -0.63 3.97
C GLY B 176 10.12 -0.68 5.04
N SER B 177 8.88 -0.45 4.62
CA SER B 177 7.74 -0.58 5.52
C SER B 177 7.21 -2.01 5.50
N ALA B 178 6.61 -2.41 6.63
CA ALA B 178 6.07 -3.76 6.72
C ALA B 178 4.92 -3.96 5.73
N GLU B 179 4.11 -2.92 5.50
CA GLU B 179 2.97 -3.05 4.60
C GLU B 179 3.41 -3.25 3.15
N ASP B 180 4.44 -2.52 2.71
CA ASP B 180 4.91 -2.67 1.34
C ASP B 180 5.54 -4.04 1.11
N LEU B 181 6.29 -4.54 2.10
CA LEU B 181 6.86 -5.88 1.96
C LEU B 181 5.77 -6.94 1.93
N ALA B 182 4.75 -6.81 2.77
CA ALA B 182 3.66 -7.77 2.75
C ALA B 182 2.90 -7.70 1.43
N ARG B 183 2.65 -6.48 0.92
CA ARG B 183 2.00 -6.34 -0.38
C ARG B 183 2.85 -6.94 -1.48
N LEU B 184 4.18 -6.79 -1.37
CA LEU B 184 5.08 -7.45 -2.32
C LEU B 184 4.88 -8.96 -2.29
N LEU B 185 4.81 -9.54 -1.09
CA LEU B 185 4.64 -10.98 -0.96
C LEU B 185 3.29 -11.43 -1.48
N VAL B 186 2.23 -10.63 -1.26
CA VAL B 186 0.91 -10.99 -1.79
C VAL B 186 0.96 -11.13 -3.31
N GLN B 187 1.56 -10.13 -3.98
CA GLN B 187 1.60 -10.13 -5.44
C GLN B 187 2.48 -11.26 -5.95
N LEU B 188 3.58 -11.55 -5.24
CA LEU B 188 4.40 -12.72 -5.55
C LEU B 188 3.57 -13.99 -5.52
N GLN B 189 2.84 -14.20 -4.41
CA GLN B 189 2.03 -15.41 -4.25
C GLN B 189 0.90 -15.48 -5.28
N LYS B 190 0.27 -14.35 -5.59
CA LYS B 190 -0.83 -14.33 -6.57
C LYS B 190 -0.36 -14.62 -7.98
N GLY B 191 0.93 -14.49 -8.27
CA GLY B 191 1.42 -14.59 -9.63
C GLY B 191 1.38 -13.30 -10.41
N GLU B 192 1.25 -12.15 -9.74
CA GLU B 192 1.14 -10.86 -10.40
C GLU B 192 2.47 -10.13 -10.49
N LEU B 193 3.51 -10.60 -9.81
CA LEU B 193 4.80 -9.92 -9.76
C LEU B 193 5.74 -10.40 -10.85
N LEU B 194 5.82 -11.72 -11.05
CA LEU B 194 6.78 -12.33 -11.95
C LEU B 194 6.07 -13.33 -12.85
N GLN B 195 6.78 -13.74 -13.90
CA GLN B 195 6.32 -14.81 -14.76
C GLN B 195 6.20 -16.11 -13.96
N PRO B 196 5.35 -17.04 -14.40
CA PRO B 196 5.10 -18.25 -13.59
C PRO B 196 6.34 -19.03 -13.19
N GLN B 197 7.30 -19.21 -14.10
CA GLN B 197 8.47 -20.01 -13.75
C GLN B 197 9.41 -19.27 -12.80
N HIS B 198 9.43 -17.94 -12.86
CA HIS B 198 10.25 -17.18 -11.92
C HIS B 198 9.62 -17.10 -10.54
N SER B 199 8.29 -17.02 -10.47
CA SER B 199 7.60 -17.05 -9.19
C SER B 199 7.85 -18.37 -8.46
N ALA B 200 7.67 -19.49 -9.17
CA ALA B 200 7.89 -20.80 -8.56
C ALA B 200 9.33 -20.98 -8.12
N LEU B 201 10.28 -20.45 -8.89
CA LEU B 201 11.68 -20.59 -8.53
C LEU B 201 12.01 -19.81 -7.27
N LEU B 202 11.49 -18.58 -7.15
CA LEU B 202 11.79 -17.76 -5.99
C LEU B 202 11.07 -18.28 -4.75
N LEU B 203 9.80 -18.67 -4.89
CA LEU B 203 9.07 -19.24 -3.76
C LEU B 203 9.69 -20.57 -3.33
N GLY B 204 10.20 -21.34 -4.28
CA GLY B 204 10.92 -22.56 -3.94
C GLY B 204 12.13 -22.29 -3.06
N PHE B 205 12.88 -21.24 -3.37
CA PHE B 205 14.02 -20.86 -2.54
C PHE B 205 13.57 -20.46 -1.13
N MET B 206 12.51 -19.65 -1.04
CA MET B 206 12.09 -19.15 0.27
C MET B 206 11.51 -20.27 1.13
N HIS B 207 10.90 -21.29 0.53
CA HIS B 207 10.43 -22.44 1.30
C HIS B 207 11.59 -23.21 1.92
N ARG B 208 12.74 -23.24 1.25
CA ARG B 208 13.90 -23.96 1.73
C ARG B 208 14.83 -23.10 2.57
N ALA B 209 14.50 -21.83 2.78
CA ALA B 209 15.35 -20.95 3.58
C ALA B 209 15.56 -21.53 4.97
N THR B 210 16.80 -21.46 5.44
CA THR B 210 17.20 -22.10 6.68
C THR B 210 17.54 -21.12 7.79
N THR B 211 17.45 -19.81 7.53
CA THR B 211 17.86 -18.81 8.50
C THR B 211 16.73 -18.38 9.43
N GLY B 212 15.49 -18.81 9.19
CA GLY B 212 14.38 -18.35 10.02
C GLY B 212 13.56 -19.46 10.64
N THR B 213 14.20 -20.59 10.95
CA THR B 213 13.47 -21.73 11.49
C THR B 213 12.78 -21.40 12.81
N GLU B 214 13.31 -20.46 13.58
CA GLU B 214 12.75 -20.09 14.87
C GLU B 214 11.90 -18.83 14.82
N ARG B 215 11.67 -18.25 13.64
CA ARG B 215 10.94 -17.00 13.56
C ARG B 215 9.50 -17.25 13.10
N LEU B 216 9.14 -16.88 11.86
CA LEU B 216 7.75 -17.06 11.43
C LEU B 216 7.30 -18.51 11.54
N ARG B 217 8.19 -19.47 11.30
CA ARG B 217 7.84 -20.89 11.44
C ARG B 217 7.89 -21.38 12.88
N GLY B 218 8.40 -20.57 13.82
CA GLY B 218 8.82 -21.11 15.11
C GLY B 218 7.72 -21.80 15.89
N SER B 219 6.49 -21.28 15.82
CA SER B 219 5.42 -21.80 16.67
C SER B 219 4.20 -22.23 15.87
N LEU B 220 4.35 -22.52 14.59
CA LEU B 220 3.19 -22.99 13.84
C LEU B 220 3.09 -24.50 13.93
N PRO B 221 1.90 -25.06 13.70
CA PRO B 221 1.76 -26.52 13.71
C PRO B 221 2.78 -27.16 12.77
N VAL B 222 3.25 -28.36 13.13
CA VAL B 222 4.25 -29.03 12.31
C VAL B 222 3.68 -29.31 10.93
N GLY B 223 4.52 -29.10 9.91
CA GLY B 223 4.09 -29.31 8.55
C GLY B 223 3.42 -28.12 7.89
N THR B 224 3.56 -26.92 8.44
CA THR B 224 2.95 -25.74 7.85
C THR B 224 3.90 -25.14 6.84
N PRO B 225 3.55 -25.09 5.56
CA PRO B 225 4.47 -24.48 4.57
C PRO B 225 4.65 -23.00 4.87
N VAL B 226 5.92 -22.58 4.92
CA VAL B 226 6.26 -21.18 5.12
C VAL B 226 7.40 -20.85 4.16
N ALA B 227 7.20 -19.85 3.33
CA ALA B 227 8.26 -19.28 2.50
C ALA B 227 8.64 -17.95 3.13
N ASP B 228 9.92 -17.76 3.43
CA ASP B 228 10.30 -16.59 4.21
C ASP B 228 11.70 -16.12 3.86
N LYS B 229 11.98 -14.88 4.25
CA LYS B 229 13.29 -14.27 4.15
C LYS B 229 13.54 -13.49 5.43
N THR B 230 14.67 -13.75 6.07
CA THR B 230 14.97 -13.12 7.36
C THR B 230 15.92 -11.95 7.18
N GLY B 231 16.01 -11.15 8.24
CA GLY B 231 17.02 -10.11 8.36
C GLY B 231 17.54 -10.06 9.78
N THR B 232 18.86 -10.02 9.95
CA THR B 232 19.45 -10.01 11.29
C THR B 232 20.62 -9.04 11.30
N GLY B 233 20.60 -8.12 12.27
CA GLY B 233 21.74 -7.30 12.57
C GLY B 233 22.52 -7.82 13.76
N ASP B 234 23.79 -7.44 13.82
CA ASP B 234 24.66 -7.89 14.89
C ASP B 234 24.23 -7.29 16.23
N ALA B 235 24.33 -8.10 17.29
CA ALA B 235 24.03 -7.68 18.66
C ALA B 235 22.54 -7.37 18.87
N GLY B 236 21.68 -8.04 18.11
CA GLY B 236 20.25 -7.89 18.30
C GLY B 236 19.68 -6.52 17.99
N VAL B 237 20.39 -5.70 17.21
CA VAL B 237 19.85 -4.39 16.84
C VAL B 237 18.64 -4.54 15.94
N VAL B 238 18.59 -5.58 15.12
CA VAL B 238 17.50 -5.78 14.15
C VAL B 238 17.23 -7.26 14.01
N THR B 239 15.95 -7.63 14.06
CA THR B 239 15.49 -9.00 13.81
C THR B 239 14.24 -8.92 12.93
N ASN B 240 14.35 -9.40 11.69
CA ASN B 240 13.28 -9.28 10.72
C ASN B 240 12.90 -10.66 10.17
N ASP B 241 11.62 -10.80 9.81
CA ASP B 241 11.17 -11.93 9.01
C ASP B 241 9.93 -11.55 8.22
N VAL B 242 9.95 -11.83 6.92
CA VAL B 242 8.83 -11.62 6.03
C VAL B 242 8.61 -12.90 5.24
N GLY B 243 7.34 -13.23 4.99
CA GLY B 243 7.08 -14.46 4.28
C GLY B 243 5.62 -14.74 4.09
N ILE B 244 5.34 -15.93 3.55
CA ILE B 244 3.99 -16.38 3.22
C ILE B 244 3.73 -17.69 3.95
N ILE B 245 2.65 -17.73 4.71
CA ILE B 245 2.23 -18.91 5.46
C ILE B 245 1.05 -19.55 4.75
N THR B 246 1.18 -20.84 4.45
CA THR B 246 0.10 -21.59 3.83
C THR B 246 -0.81 -22.14 4.94
N LEU B 247 -2.05 -21.65 4.98
CA LEU B 247 -3.02 -22.16 5.95
C LEU B 247 -3.51 -23.54 5.51
N PRO B 248 -4.00 -24.35 6.45
CA PRO B 248 -4.44 -25.70 6.08
C PRO B 248 -5.83 -25.68 5.43
N LYS B 249 -6.20 -26.84 4.87
CA LYS B 249 -7.57 -27.09 4.43
C LYS B 249 -8.06 -26.03 3.45
N GLY B 250 -7.13 -25.50 2.65
CA GLY B 250 -7.47 -24.54 1.62
C GLY B 250 -8.05 -23.24 2.12
N GLN B 251 -7.58 -22.77 3.28
CA GLN B 251 -8.07 -21.53 3.86
C GLN B 251 -7.26 -20.33 3.41
N GLY B 252 -6.31 -20.54 2.49
CA GLY B 252 -5.59 -19.48 1.85
C GLY B 252 -4.18 -19.27 2.37
N HIS B 253 -3.68 -18.05 2.21
CA HIS B 253 -2.30 -17.74 2.54
C HIS B 253 -2.26 -16.43 3.31
N LEU B 254 -1.26 -16.33 4.19
CA LEU B 254 -1.01 -15.11 4.95
C LEU B 254 0.34 -14.57 4.54
N ALA B 255 0.34 -13.38 3.94
CA ALA B 255 1.58 -12.65 3.73
C ALA B 255 1.82 -11.82 4.98
N ILE B 256 3.02 -11.94 5.54
CA ILE B 256 3.29 -11.38 6.85
C ILE B 256 4.71 -10.83 6.88
N ALA B 257 4.86 -9.60 7.37
CA ALA B 257 6.14 -8.95 7.53
C ALA B 257 6.25 -8.45 8.96
N VAL B 258 7.32 -8.83 9.64
CA VAL B 258 7.60 -8.35 10.99
C VAL B 258 9.01 -7.78 11.00
N LEU B 259 9.12 -6.48 11.29
CA LEU B 259 10.39 -5.78 11.31
C LEU B 259 10.62 -5.25 12.72
N ILE B 260 11.67 -5.74 13.38
CA ILE B 260 11.98 -5.35 14.76
C ILE B 260 13.31 -4.61 14.76
N SER B 261 13.27 -3.35 15.19
CA SER B 261 14.44 -2.48 15.21
C SER B 261 14.65 -1.94 16.62
N GLY B 262 15.87 -2.09 17.14
CA GLY B 262 16.23 -1.51 18.43
C GLY B 262 15.37 -1.96 19.59
N SER B 263 15.07 -3.25 19.66
CA SER B 263 14.20 -3.80 20.70
C SER B 263 14.93 -3.93 22.03
N LYS B 264 14.13 -3.96 23.10
CA LYS B 264 14.65 -4.29 24.43
C LYS B 264 15.03 -5.76 24.56
N LEU B 265 14.44 -6.64 23.75
CA LEU B 265 14.61 -8.07 23.90
C LEU B 265 16.00 -8.53 23.44
N SER B 266 16.40 -9.70 23.94
CA SER B 266 17.59 -10.39 23.44
C SER B 266 17.34 -10.94 22.04
N PRO B 267 18.40 -11.29 21.30
CA PRO B 267 18.20 -11.90 19.97
C PRO B 267 17.29 -13.12 19.99
N ALA B 268 17.47 -14.02 20.96
CA ALA B 268 16.58 -15.18 21.06
C ALA B 268 15.15 -14.76 21.33
N ALA B 269 14.95 -13.78 22.22
CA ALA B 269 13.61 -13.34 22.54
C ALA B 269 12.94 -12.62 21.38
N GLN B 270 13.72 -11.93 20.56
CA GLN B 270 13.14 -11.27 19.38
C GLN B 270 12.66 -12.31 18.37
N GLU B 271 13.42 -13.40 18.22
CA GLU B 271 12.96 -14.47 17.32
C GLU B 271 11.64 -15.09 17.78
N LYS B 272 11.47 -15.32 19.11
CA LYS B 272 10.17 -15.79 19.59
C LYS B 272 9.10 -14.71 19.50
N LEU B 273 9.46 -13.42 19.61
CA LEU B 273 8.45 -12.39 19.39
C LEU B 273 7.83 -12.55 18.01
N ILE B 274 8.66 -12.77 16.98
CA ILE B 274 8.15 -13.03 15.64
C ILE B 274 7.34 -14.32 15.61
N ALA B 275 7.84 -15.38 16.25
CA ALA B 275 7.10 -16.64 16.25
C ALA B 275 5.72 -16.48 16.86
N GLU B 276 5.62 -15.70 17.94
CA GLU B 276 4.34 -15.53 18.62
C GLU B 276 3.40 -14.65 17.80
N ILE B 277 3.93 -13.63 17.13
CA ILE B 277 3.11 -12.83 16.22
C ILE B 277 2.54 -13.70 15.10
N ALA B 278 3.39 -14.56 14.52
CA ALA B 278 2.93 -15.41 13.42
C ALA B 278 1.86 -16.39 13.87
N ARG B 279 2.04 -16.99 15.07
CA ARG B 279 1.06 -17.97 15.54
C ARG B 279 -0.27 -17.31 15.87
N ALA B 280 -0.23 -16.10 16.42
CA ALA B 280 -1.46 -15.36 16.68
C ALA B 280 -2.20 -15.04 15.38
N ALA B 281 -1.46 -14.59 14.35
CA ALA B 281 -2.11 -14.32 13.07
C ALA B 281 -2.67 -15.59 12.46
N TYR B 282 -1.92 -16.70 12.57
CA TYR B 282 -2.40 -18.00 12.11
C TYR B 282 -3.72 -18.37 12.77
N ASP B 283 -3.78 -18.26 14.10
CA ASP B 283 -5.00 -18.66 14.82
C ASP B 283 -6.19 -17.81 14.42
N ALA B 284 -5.98 -16.51 14.23
CA ALA B 284 -7.08 -15.62 13.89
C ALA B 284 -7.67 -15.96 12.52
N HIS B 285 -6.84 -16.47 11.60
CA HIS B 285 -7.29 -16.67 10.23
C HIS B 285 -7.75 -18.09 9.92
N VAL B 286 -7.63 -19.04 10.85
CA VAL B 286 -8.09 -20.40 10.62
C VAL B 286 -9.28 -20.68 11.53
N SER B 287 -10.26 -21.41 11.00
CA SER B 287 -11.45 -21.78 11.77
C SER B 287 -11.28 -23.12 12.47
#